data_5Q23
#
_entry.id   5Q23
#
_cell.length_a   52.060
_cell.length_b   57.054
_cell.length_c   115.268
_cell.angle_alpha   90.000
_cell.angle_beta   90.000
_cell.angle_gamma   90.000
#
_symmetry.space_group_name_H-M   'P 21 21 21'
#
loop_
_entity.id
_entity.type
_entity.pdbx_description
1 polymer 'DNA cross-link repair 1A protein'
2 non-polymer 'MALONATE ION'
3 non-polymer 'NICKEL (II) ION'
4 non-polymer '(phenylmethyl) 4-oxidanylpiperidine-1-carboxylate'
5 water water
#
_entity_poly.entity_id   1
_entity_poly.type   'polypeptide(L)'
_entity_poly.pdbx_seq_one_letter_code
;KKTCPFYKKIPGTGFTVDAFQYGVVEGCTAYFLTHFHSDHYAGLSKHFTFPVYCSEITGNLLKNKLHVQEQYIHPLPLDT
ECIVNGVKVVLLDANHCPGAVMILFYLPNGTVILHTGDFRADPSMERSLLADQKVHMLYLDTTYCSPEYTFPSQQEVIRF
AINTAFEAVTLNPHALVVCGTYSIGKEKVFLAIADVLGSKVGMSQEKYKTLQCLNIPEINSLITTDMCSSLVHLLPMMQI
NFKGLQSHLKKCGGKYNQILAFRPTGWTHSNKFTRIADVIPQTKGNISIYGIPYSEHSSYLEMKRFVQWLKPQKIIPTVN
VGTWKSRSTMEKYFREWKLEAGY
;
_entity_poly.pdbx_strand_id   A
#
# COMPACT_ATOMS: atom_id res chain seq x y z
N THR A 3 2.76 6.53 25.02
CA THR A 3 4.22 6.81 24.78
C THR A 3 4.64 6.59 23.32
N CYS A 4 4.96 7.67 22.61
CA CYS A 4 5.39 7.57 21.22
C CYS A 4 6.77 6.89 21.14
N PRO A 5 6.92 5.82 20.31
CA PRO A 5 8.23 5.16 20.23
C PRO A 5 9.28 6.03 19.52
N PHE A 6 10.55 5.81 19.85
CA PHE A 6 11.66 6.62 19.32
C PHE A 6 11.73 6.59 17.79
N TYR A 7 11.43 5.43 17.20
CA TYR A 7 11.51 5.25 15.74
C TYR A 7 10.43 6.02 14.93
N LYS A 8 9.49 6.66 15.60
CA LYS A 8 8.53 7.59 14.98
C LYS A 8 8.89 9.08 15.15
N LYS A 9 10.04 9.36 15.78
CA LYS A 9 10.52 10.71 15.97
C LYS A 9 11.74 10.97 15.09
N ILE A 10 11.83 12.18 14.54
CA ILE A 10 12.92 12.58 13.66
C ILE A 10 13.91 13.48 14.45
N PRO A 11 15.13 12.97 14.72
CA PRO A 11 16.08 13.73 15.59
C PRO A 11 16.44 15.10 15.00
N GLY A 12 16.58 16.10 15.86
CA GLY A 12 16.92 17.46 15.43
C GLY A 12 15.79 18.25 14.85
N THR A 13 14.57 17.74 14.99
CA THR A 13 13.37 18.41 14.53
C THR A 13 12.28 18.32 15.62
N GLY A 14 11.18 19.03 15.36
CA GLY A 14 9.92 18.81 16.05
C GLY A 14 8.95 17.91 15.27
N PHE A 15 9.45 17.00 14.43
CA PHE A 15 8.56 16.20 13.57
C PHE A 15 8.34 14.77 14.04
N THR A 16 7.12 14.28 13.88
CA THR A 16 6.87 12.85 14.00
C THR A 16 6.33 12.32 12.67
N VAL A 17 6.39 10.99 12.52
CA VAL A 17 5.88 10.31 11.30
C VAL A 17 4.93 9.19 11.73
N ASP A 18 3.69 9.24 11.22
CA ASP A 18 2.70 8.18 11.48
C ASP A 18 2.44 7.93 12.99
N ALA A 19 2.29 9.04 13.72
CA ALA A 19 2.25 9.02 15.20
C ALA A 19 1.01 9.79 15.74
N PHE A 20 -0.17 9.25 15.46
CA PHE A 20 -1.44 9.88 15.80
C PHE A 20 -2.21 9.19 16.96
N GLN A 21 -1.64 8.11 17.51
CA GLN A 21 -2.35 7.27 18.52
C GLN A 21 -1.83 7.46 19.95
N TYR A 22 -0.97 8.46 20.16
CA TYR A 22 -0.31 8.72 21.44
C TYR A 22 -0.74 10.05 22.10
N GLY A 23 -1.90 10.59 21.72
CA GLY A 23 -2.31 11.93 22.21
C GLY A 23 -1.39 13.03 21.71
N VAL A 24 -1.26 14.09 22.49
CA VAL A 24 -0.38 15.21 22.15
C VAL A 24 1.07 14.80 22.45
N VAL A 25 1.90 14.69 21.42
CA VAL A 25 3.31 14.30 21.60
C VAL A 25 4.10 15.54 22.02
N GLU A 26 4.76 15.52 23.19
CA GLU A 26 5.48 16.72 23.67
C GLU A 26 6.63 17.06 22.74
N GLY A 27 6.66 18.31 22.28
CA GLY A 27 7.66 18.80 21.34
C GLY A 27 7.32 18.70 19.86
N CYS A 28 6.20 18.06 19.51
CA CYS A 28 5.85 17.89 18.09
C CYS A 28 5.13 19.11 17.51
N THR A 29 5.75 19.75 16.51
CA THR A 29 5.18 20.95 15.84
C THR A 29 4.50 20.65 14.48
N ALA A 30 4.74 19.46 13.94
CA ALA A 30 4.14 19.01 12.69
C ALA A 30 4.11 17.48 12.68
N TYR A 31 2.93 16.93 12.37
CA TYR A 31 2.68 15.48 12.27
C TYR A 31 2.62 15.08 10.78
N PHE A 32 3.60 14.31 10.32
CA PHE A 32 3.56 13.75 8.96
C PHE A 32 2.75 12.45 8.92
N LEU A 33 1.98 12.27 7.83
CA LEU A 33 1.28 11.01 7.55
C LEU A 33 1.71 10.49 6.16
N THR A 34 2.40 9.35 6.12
CA THR A 34 2.96 8.82 4.87
C THR A 34 1.87 8.30 3.90
N HIS A 35 0.78 7.73 4.45
CA HIS A 35 -0.27 7.12 3.63
C HIS A 35 -1.51 6.81 4.43
N PHE A 36 -2.64 6.63 3.73
CA PHE A 36 -3.95 6.35 4.36
C PHE A 36 -4.21 4.86 4.55
N HIS A 37 -3.41 4.22 5.41
CA HIS A 37 -3.69 2.90 5.99
C HIS A 37 -3.89 3.00 7.50
N SER A 38 -4.85 2.22 8.02
CA SER A 38 -5.34 2.46 9.37
C SER A 38 -4.31 2.27 10.47
N ASP A 39 -3.33 1.38 10.29
CA ASP A 39 -2.26 1.23 11.29
C ASP A 39 -1.41 2.52 11.39
N HIS A 40 -1.36 3.31 10.31
CA HIS A 40 -0.55 4.52 10.23
C HIS A 40 -1.33 5.77 10.63
N TYR A 41 -2.62 5.84 10.28
CA TYR A 41 -3.45 6.98 10.69
C TYR A 41 -4.16 6.79 12.05
N ALA A 42 -4.00 5.61 12.68
CA ALA A 42 -4.68 5.28 13.95
C ALA A 42 -4.64 6.44 14.95
N GLY A 43 -5.81 6.93 15.35
CA GLY A 43 -5.95 8.02 16.30
C GLY A 43 -6.44 9.31 15.66
N LEU A 44 -6.22 9.50 14.36
CA LEU A 44 -6.74 10.67 13.63
C LEU A 44 -8.27 10.55 13.56
N SER A 45 -8.94 11.68 13.75
CA SER A 45 -10.39 11.76 13.80
C SER A 45 -10.79 13.19 13.46
N LYS A 46 -12.08 13.47 13.42
CA LYS A 46 -12.52 14.84 13.13
C LYS A 46 -12.13 15.89 14.19
N HIS A 47 -11.70 15.48 15.38
CA HIS A 47 -11.37 16.44 16.47
C HIS A 47 -9.85 16.72 16.63
N PHE A 48 -9.08 16.35 15.61
CA PHE A 48 -7.63 16.61 15.63
C PHE A 48 -7.33 18.09 15.33
N THR A 49 -6.47 18.74 16.12
CA THR A 49 -6.18 20.20 15.98
C THR A 49 -4.70 20.62 15.87
N PHE A 50 -3.90 19.77 15.24
CA PHE A 50 -2.50 20.10 14.92
C PHE A 50 -2.27 19.96 13.41
N PRO A 51 -1.19 20.61 12.89
CA PRO A 51 -0.92 20.52 11.46
C PRO A 51 -0.50 19.10 11.02
N VAL A 52 -1.15 18.63 9.95
CA VAL A 52 -0.83 17.36 9.34
C VAL A 52 -0.27 17.62 7.95
N TYR A 53 0.91 17.08 7.68
CA TYR A 53 1.57 17.19 6.36
C TYR A 53 1.52 15.83 5.62
N CYS A 54 1.17 15.89 4.33
CA CYS A 54 0.86 14.68 3.55
C CYS A 54 0.74 14.98 2.07
N SER A 55 0.53 13.95 1.23
CA SER A 55 0.25 14.18 -0.19
C SER A 55 -1.18 14.73 -0.39
N GLU A 56 -1.44 15.21 -1.61
CA GLU A 56 -2.78 15.68 -1.99
C GLU A 56 -3.83 14.56 -1.84
N ILE A 57 -3.51 13.37 -2.35
CA ILE A 57 -4.45 12.24 -2.25
C ILE A 57 -4.76 11.86 -0.80
N THR A 58 -3.74 11.75 0.05
CA THR A 58 -3.97 11.48 1.48
C THR A 58 -4.84 12.58 2.11
N GLY A 59 -4.57 13.83 1.73
CA GLY A 59 -5.36 14.96 2.21
C GLY A 59 -6.86 14.87 1.84
N ASN A 60 -7.16 14.40 0.62
CA ASN A 60 -8.56 14.19 0.16
C ASN A 60 -9.26 13.18 1.04
N LEU A 61 -8.54 12.09 1.39
CA LEU A 61 -9.10 11.02 2.23
C LEU A 61 -9.30 11.49 3.68
N LEU A 62 -8.34 12.24 4.23
CA LEU A 62 -8.51 12.83 5.58
C LEU A 62 -9.77 13.73 5.70
N LYS A 63 -9.96 14.59 4.71
CA LYS A 63 -11.10 15.50 4.68
C LYS A 63 -12.42 14.78 4.52
N ASN A 64 -12.51 13.87 3.54
CA ASN A 64 -13.78 13.22 3.15
C ASN A 64 -14.20 11.96 3.95
N LYS A 65 -13.21 11.14 4.36
CA LYS A 65 -13.45 9.87 5.07
C LYS A 65 -13.32 9.99 6.59
N LEU A 66 -12.27 10.67 7.07
CA LEU A 66 -12.08 10.88 8.53
C LEU A 66 -12.68 12.17 9.09
N HIS A 67 -13.04 13.09 8.17
N HIS A 67 -13.08 13.09 8.21
CA HIS A 67 -13.60 14.43 8.44
CA HIS A 67 -13.74 14.33 8.61
C HIS A 67 -12.74 15.41 9.20
C HIS A 67 -12.75 15.30 9.33
N VAL A 68 -11.45 15.29 8.95
CA VAL A 68 -10.46 16.23 9.52
C VAL A 68 -10.74 17.62 8.93
N GLN A 69 -10.71 18.66 9.77
CA GLN A 69 -11.00 20.02 9.25
C GLN A 69 -9.90 20.50 8.34
N GLU A 70 -10.31 21.19 7.30
CA GLU A 70 -9.43 21.61 6.21
C GLU A 70 -8.29 22.52 6.67
N GLN A 71 -8.53 23.35 7.68
CA GLN A 71 -7.49 24.24 8.22
C GLN A 71 -6.26 23.50 8.80
N TYR A 72 -6.38 22.22 9.15
CA TYR A 72 -5.24 21.43 9.66
C TYR A 72 -4.55 20.51 8.65
N ILE A 73 -5.06 20.49 7.41
CA ILE A 73 -4.52 19.63 6.36
C ILE A 73 -3.57 20.44 5.46
N HIS A 74 -2.31 20.03 5.42
CA HIS A 74 -1.25 20.67 4.61
C HIS A 74 -0.72 19.73 3.50
N PRO A 75 -1.39 19.72 2.32
CA PRO A 75 -0.91 18.87 1.23
C PRO A 75 0.32 19.48 0.55
N LEU A 76 1.31 18.65 0.22
CA LEU A 76 2.52 19.06 -0.49
C LEU A 76 2.65 18.32 -1.83
N PRO A 77 3.09 19.01 -2.89
CA PRO A 77 3.34 18.36 -4.17
C PRO A 77 4.51 17.42 -4.08
N LEU A 78 4.57 16.42 -4.96
CA LEU A 78 5.71 15.48 -5.00
C LEU A 78 6.89 16.12 -5.72
N ASP A 79 8.07 15.57 -5.47
CA ASP A 79 9.29 15.92 -6.20
C ASP A 79 9.66 17.39 -6.18
N THR A 80 9.29 18.08 -5.09
CA THR A 80 9.41 19.54 -4.94
C THR A 80 10.00 19.90 -3.58
N GLU A 81 11.06 20.71 -3.56
CA GLU A 81 11.62 21.18 -2.29
C GLU A 81 10.65 22.15 -1.60
N CYS A 82 10.27 21.83 -0.35
CA CYS A 82 9.31 22.61 0.43
C CYS A 82 9.94 22.93 1.78
N ILE A 83 9.63 24.09 2.37
CA ILE A 83 10.10 24.40 3.73
C ILE A 83 8.94 24.25 4.73
N VAL A 84 9.13 23.40 5.74
CA VAL A 84 8.15 23.17 6.80
C VAL A 84 8.77 23.52 8.15
N ASN A 85 8.17 24.49 8.86
CA ASN A 85 8.72 24.97 10.14
C ASN A 85 10.25 25.12 10.10
N GLY A 86 10.73 25.76 9.03
CA GLY A 86 12.15 26.06 8.90
C GLY A 86 13.09 24.95 8.45
N VAL A 87 12.52 23.82 7.99
CA VAL A 87 13.32 22.67 7.54
C VAL A 87 12.90 22.28 6.10
N LYS A 88 13.90 22.09 5.23
CA LYS A 88 13.67 21.62 3.83
C LYS A 88 13.28 20.12 3.81
N VAL A 89 12.16 19.83 3.15
CA VAL A 89 11.62 18.47 2.97
C VAL A 89 11.23 18.24 1.51
N VAL A 90 11.25 16.97 1.11
CA VAL A 90 10.75 16.51 -0.21
C VAL A 90 9.88 15.25 0.00
N LEU A 91 8.72 15.19 -0.66
CA LEU A 91 7.92 13.95 -0.74
C LEU A 91 8.20 13.25 -2.08
N LEU A 92 8.41 11.93 -1.98
CA LEU A 92 8.66 11.07 -3.15
C LEU A 92 7.62 9.95 -3.23
N ASP A 93 7.26 9.51 -4.43
CA ASP A 93 6.30 8.40 -4.56
C ASP A 93 6.89 7.11 -3.94
N ALA A 94 6.12 6.43 -3.10
CA ALA A 94 6.61 5.21 -2.42
C ALA A 94 6.28 3.89 -3.15
N ASN A 95 5.58 3.97 -4.29
CA ASN A 95 5.17 2.73 -5.00
C ASN A 95 4.49 1.76 -4.04
N HIS A 96 3.55 2.30 -3.26
CA HIS A 96 2.75 1.52 -2.27
C HIS A 96 1.27 1.61 -2.73
N CYS A 97 0.38 2.22 -1.96
CA CYS A 97 -1.01 2.49 -2.35
C CYS A 97 -1.15 3.95 -2.88
N PRO A 98 -2.31 4.31 -3.44
CA PRO A 98 -2.46 5.69 -3.93
C PRO A 98 -2.19 6.74 -2.81
N GLY A 99 -1.39 7.76 -3.14
CA GLY A 99 -1.06 8.84 -2.21
C GLY A 99 0.09 8.59 -1.25
N ALA A 100 0.65 7.37 -1.28
CA ALA A 100 1.73 6.99 -0.35
C ALA A 100 3.04 7.62 -0.75
N VAL A 101 3.73 8.16 0.26
CA VAL A 101 5.01 8.85 0.05
C VAL A 101 6.14 8.37 0.96
N MET A 102 7.36 8.59 0.49
CA MET A 102 8.59 8.62 1.31
C MET A 102 8.91 10.11 1.55
N ILE A 103 9.59 10.40 2.66
CA ILE A 103 9.92 11.78 3.06
C ILE A 103 11.45 11.93 3.24
N LEU A 104 12.02 12.91 2.50
CA LEU A 104 13.43 13.30 2.67
C LEU A 104 13.49 14.52 3.57
N PHE A 105 14.24 14.44 4.67
CA PHE A 105 14.41 15.58 5.60
C PHE A 105 15.87 16.08 5.52
N TYR A 106 16.06 17.39 5.29
CA TYR A 106 17.40 17.97 5.20
C TYR A 106 17.61 18.76 6.50
N LEU A 107 18.31 18.16 7.46
CA LEU A 107 18.42 18.76 8.81
C LEU A 107 19.31 19.99 8.80
N PRO A 108 19.05 20.96 9.72
CA PRO A 108 19.88 22.15 9.78
C PRO A 108 21.39 21.88 9.92
N ASN A 109 21.76 20.82 10.62
CA ASN A 109 23.18 20.48 10.78
C ASN A 109 23.87 19.75 9.60
N GLY A 110 23.16 19.50 8.49
CA GLY A 110 23.74 18.84 7.30
C GLY A 110 23.40 17.35 7.17
N THR A 111 22.81 16.79 8.21
CA THR A 111 22.35 15.39 8.18
C THR A 111 21.15 15.28 7.19
N VAL A 112 21.08 14.19 6.43
CA VAL A 112 19.95 13.90 5.54
C VAL A 112 19.34 12.54 5.96
N ILE A 113 18.02 12.55 6.14
CA ILE A 113 17.26 11.38 6.58
C ILE A 113 16.19 11.04 5.53
N LEU A 114 16.12 9.77 5.13
CA LEU A 114 15.01 9.26 4.33
C LEU A 114 14.12 8.35 5.16
N HIS A 115 12.83 8.64 5.17
CA HIS A 115 11.83 7.78 5.80
C HIS A 115 11.00 7.18 4.67
N THR A 116 11.03 5.86 4.52
CA THR A 116 10.38 5.25 3.35
C THR A 116 8.84 5.11 3.53
N GLY A 117 8.31 5.40 4.70
CA GLY A 117 6.94 4.97 5.04
C GLY A 117 6.78 3.48 4.72
N ASP A 118 5.63 3.09 4.15
CA ASP A 118 5.50 1.75 3.49
C ASP A 118 5.88 1.90 2.01
N PHE A 119 6.70 1.01 1.47
CA PHE A 119 7.14 1.13 0.05
C PHE A 119 7.37 -0.24 -0.60
N ARG A 120 7.30 -0.25 -1.94
CA ARG A 120 7.83 -1.39 -2.73
C ARG A 120 8.99 -0.85 -3.56
N ALA A 121 10.21 -1.11 -3.08
CA ALA A 121 11.38 -0.60 -3.75
C ALA A 121 11.43 -0.96 -5.22
N ASP A 122 11.93 -0.04 -6.05
CA ASP A 122 12.01 -0.28 -7.49
C ASP A 122 13.28 0.40 -8.03
N PRO A 123 13.90 -0.19 -9.08
CA PRO A 123 15.11 0.48 -9.67
C PRO A 123 14.83 1.92 -10.15
N SER A 124 13.57 2.25 -10.50
CA SER A 124 13.24 3.62 -10.88
C SER A 124 13.54 4.67 -9.79
N MET A 125 13.51 4.25 -8.52
CA MET A 125 13.87 5.16 -7.42
C MET A 125 15.34 5.61 -7.43
N GLU A 126 16.20 4.88 -8.15
CA GLU A 126 17.61 5.18 -8.24
C GLU A 126 17.81 6.41 -9.17
N ARG A 127 16.76 6.85 -9.87
CA ARG A 127 16.77 8.07 -10.71
C ARG A 127 15.79 9.15 -10.30
N SER A 128 15.36 9.08 -9.05
CA SER A 128 14.58 10.15 -8.44
C SER A 128 15.56 11.24 -7.93
N LEU A 129 15.02 12.19 -7.17
CA LEU A 129 15.84 13.17 -6.42
C LEU A 129 16.81 12.53 -5.41
N LEU A 130 16.64 11.23 -5.12
CA LEU A 130 17.62 10.50 -4.28
C LEU A 130 19.02 10.36 -4.89
N ALA A 131 19.13 10.46 -6.20
CA ALA A 131 20.44 10.31 -6.86
C ALA A 131 21.48 11.39 -6.43
N ASP A 132 20.98 12.58 -6.15
CA ASP A 132 21.73 13.83 -5.89
C ASP A 132 22.63 13.97 -4.70
N GLN A 133 22.30 13.30 -3.61
CA GLN A 133 23.05 13.47 -2.38
C GLN A 133 23.01 12.23 -1.50
N LYS A 134 23.85 12.32 -0.49
CA LYS A 134 24.11 11.31 0.48
C LYS A 134 22.98 11.27 1.50
N VAL A 135 22.61 10.07 1.96
CA VAL A 135 21.62 9.84 3.03
C VAL A 135 22.29 9.20 4.23
N HIS A 136 22.26 9.87 5.38
CA HIS A 136 22.92 9.39 6.58
C HIS A 136 22.11 8.35 7.33
N MET A 137 20.81 8.58 7.50
CA MET A 137 19.93 7.66 8.23
C MET A 137 18.72 7.27 7.36
N LEU A 138 18.38 5.98 7.41
CA LEU A 138 17.24 5.38 6.65
C LEU A 138 16.24 4.74 7.62
N TYR A 139 15.00 5.24 7.63
CA TYR A 139 13.93 4.64 8.42
C TYR A 139 13.16 3.73 7.43
N LEU A 140 13.33 2.41 7.60
CA LEU A 140 13.05 1.41 6.53
C LEU A 140 11.85 0.51 6.75
N ASP A 141 10.96 0.43 5.75
CA ASP A 141 9.90 -0.59 5.75
C ASP A 141 10.49 -1.96 5.55
N THR A 142 10.61 -2.68 6.67
CA THR A 142 11.21 -4.03 6.74
C THR A 142 10.16 -5.17 6.78
N THR A 143 8.93 -4.93 6.31
CA THR A 143 7.85 -5.93 6.37
C THR A 143 8.31 -7.35 5.95
N TYR A 144 9.01 -7.44 4.81
CA TYR A 144 9.47 -8.72 4.26
C TYR A 144 11.02 -8.91 4.24
N CYS A 145 11.68 -8.48 5.33
CA CYS A 145 13.15 -8.58 5.45
C CYS A 145 13.64 -9.98 5.89
N SER A 146 13.43 -10.95 5.00
CA SER A 146 13.96 -12.30 5.14
C SER A 146 13.91 -12.99 3.77
N PRO A 147 14.93 -13.81 3.45
CA PRO A 147 15.01 -14.31 2.06
C PRO A 147 13.88 -15.25 1.60
N GLU A 148 13.12 -15.83 2.54
CA GLU A 148 11.96 -16.64 2.15
C GLU A 148 10.86 -15.85 1.46
N TYR A 149 10.84 -14.52 1.63
CA TYR A 149 9.80 -13.73 1.05
C TYR A 149 10.12 -13.38 -0.41
N THR A 150 9.58 -14.23 -1.29
CA THR A 150 9.62 -14.06 -2.72
C THR A 150 8.16 -13.95 -3.21
N PHE A 151 8.00 -13.16 -4.25
CA PHE A 151 6.75 -13.08 -5.01
C PHE A 151 7.00 -12.45 -6.41
N PRO A 152 6.05 -12.63 -7.34
CA PRO A 152 6.26 -12.15 -8.73
C PRO A 152 6.14 -10.63 -8.85
N SER A 153 6.42 -10.12 -10.06
CA SER A 153 6.15 -8.70 -10.33
C SER A 153 4.64 -8.47 -10.31
N GLN A 154 4.26 -7.23 -10.02
CA GLN A 154 2.84 -6.85 -10.15
C GLN A 154 2.30 -7.10 -11.58
N GLN A 155 3.13 -6.86 -12.60
CA GLN A 155 2.73 -7.05 -14.00
C GLN A 155 2.36 -8.55 -14.25
N GLU A 156 3.19 -9.48 -13.75
CA GLU A 156 2.95 -10.94 -13.92
C GLU A 156 1.66 -11.38 -13.26
N VAL A 157 1.41 -10.85 -12.06
CA VAL A 157 0.22 -11.21 -11.29
C VAL A 157 -1.03 -10.68 -12.01
N ILE A 158 -0.96 -9.47 -12.56
CA ILE A 158 -2.12 -8.88 -13.30
C ILE A 158 -2.38 -9.67 -14.59
N ARG A 159 -1.30 -10.08 -15.28
CA ARG A 159 -1.47 -10.91 -16.50
C ARG A 159 -2.25 -12.20 -16.16
N PHE A 160 -1.89 -12.86 -15.05
CA PHE A 160 -2.61 -14.06 -14.61
C PHE A 160 -4.08 -13.78 -14.32
N ALA A 161 -4.36 -12.69 -13.60
CA ALA A 161 -5.75 -12.36 -13.25
C ALA A 161 -6.59 -12.05 -14.50
N ILE A 162 -6.07 -11.21 -15.42
CA ILE A 162 -6.79 -10.87 -16.66
C ILE A 162 -7.10 -12.14 -17.47
N ASN A 163 -6.08 -12.97 -17.63
CA ASN A 163 -6.24 -14.17 -18.50
C ASN A 163 -7.23 -15.19 -17.88
N THR A 164 -7.15 -15.38 -16.56
CA THR A 164 -8.07 -16.27 -15.82
C THR A 164 -9.54 -15.78 -15.92
N ALA A 165 -9.76 -14.49 -15.69
CA ALA A 165 -11.09 -13.93 -15.75
C ALA A 165 -11.66 -13.96 -17.19
N PHE A 166 -10.89 -13.52 -18.18
CA PHE A 166 -11.36 -13.52 -19.57
C PHE A 166 -11.71 -14.94 -20.04
N GLU A 167 -10.87 -15.93 -19.71
CA GLU A 167 -11.20 -17.32 -20.08
C GLU A 167 -12.52 -17.78 -19.47
N ALA A 168 -12.70 -17.56 -18.17
CA ALA A 168 -13.88 -18.07 -17.46
C ALA A 168 -15.21 -17.48 -17.96
N VAL A 169 -15.20 -16.17 -18.25
CA VAL A 169 -16.41 -15.45 -18.64
C VAL A 169 -16.71 -15.67 -20.13
N THR A 170 -15.67 -15.91 -20.93
CA THR A 170 -15.89 -16.27 -22.34
C THR A 170 -16.47 -17.68 -22.44
N LEU A 171 -15.99 -18.61 -21.60
CA LEU A 171 -16.60 -19.96 -21.55
C LEU A 171 -18.06 -19.91 -21.02
N ASN A 172 -18.31 -19.12 -19.97
CA ASN A 172 -19.64 -18.95 -19.37
C ASN A 172 -19.99 -17.47 -19.20
N PRO A 173 -20.73 -16.89 -20.18
CA PRO A 173 -21.17 -15.50 -20.08
C PRO A 173 -22.04 -15.14 -18.87
N HIS A 174 -22.60 -16.13 -18.18
CA HIS A 174 -23.37 -15.93 -16.96
C HIS A 174 -22.55 -16.11 -15.67
N ALA A 175 -21.23 -16.09 -15.79
CA ALA A 175 -20.36 -16.01 -14.59
C ALA A 175 -20.17 -14.55 -14.11
N LEU A 176 -20.25 -14.34 -12.79
CA LEU A 176 -19.90 -13.06 -12.14
C LEU A 176 -18.49 -13.13 -11.59
N VAL A 177 -17.72 -12.05 -11.74
CA VAL A 177 -16.42 -11.92 -11.08
C VAL A 177 -16.53 -11.02 -9.86
N VAL A 178 -15.99 -11.49 -8.73
CA VAL A 178 -15.94 -10.69 -7.47
C VAL A 178 -14.48 -10.53 -7.00
N CYS A 179 -14.14 -9.32 -6.54
N CYS A 179 -14.13 -9.32 -6.57
CA CYS A 179 -12.79 -9.03 -6.00
CA CYS A 179 -12.81 -9.03 -5.99
C CYS A 179 -12.93 -8.48 -4.58
C CYS A 179 -13.02 -8.57 -4.55
N GLY A 180 -12.15 -9.02 -3.65
CA GLY A 180 -12.14 -8.56 -2.23
C GLY A 180 -11.26 -7.33 -2.03
N THR A 181 -11.66 -6.45 -1.09
CA THR A 181 -10.90 -5.25 -0.66
C THR A 181 -11.14 -4.93 0.85
N TYR A 182 -10.16 -4.35 1.54
CA TYR A 182 -10.41 -3.86 2.95
C TYR A 182 -9.65 -2.57 3.33
N SER A 183 -9.12 -1.91 2.31
CA SER A 183 -8.32 -0.70 2.44
C SER A 183 -8.05 -0.23 1.02
N ILE A 184 -7.48 0.95 0.87
CA ILE A 184 -6.96 1.39 -0.41
C ILE A 184 -5.69 0.59 -0.77
N GLY A 185 -5.30 0.68 -2.03
CA GLY A 185 -4.26 -0.15 -2.59
C GLY A 185 -4.78 -1.29 -3.44
N LYS A 186 -3.95 -1.72 -4.41
CA LYS A 186 -4.23 -2.91 -5.26
C LYS A 186 -5.44 -2.72 -6.21
N GLU A 187 -5.75 -1.46 -6.48
CA GLU A 187 -6.86 -1.15 -7.41
C GLU A 187 -6.64 -1.73 -8.81
N LYS A 188 -5.38 -1.88 -9.24
CA LYS A 188 -5.11 -2.44 -10.58
C LYS A 188 -5.73 -3.81 -10.79
N VAL A 189 -5.84 -4.59 -9.71
CA VAL A 189 -6.43 -5.94 -9.83
C VAL A 189 -7.87 -5.87 -10.42
N PHE A 190 -8.75 -5.09 -9.78
CA PHE A 190 -10.15 -5.03 -10.25
C PHE A 190 -10.30 -4.17 -11.51
N LEU A 191 -9.49 -3.12 -11.63
CA LEU A 191 -9.56 -2.28 -12.82
C LEU A 191 -9.15 -3.04 -14.12
N ALA A 192 -8.06 -3.79 -14.04
CA ALA A 192 -7.59 -4.56 -15.19
C ALA A 192 -8.56 -5.67 -15.60
N ILE A 193 -9.14 -6.34 -14.64
CA ILE A 193 -10.14 -7.39 -14.95
C ILE A 193 -11.38 -6.76 -15.60
N ALA A 194 -11.93 -5.70 -14.99
CA ALA A 194 -13.12 -5.05 -15.56
C ALA A 194 -12.87 -4.55 -17.00
N ASP A 195 -11.69 -4.01 -17.24
CA ASP A 195 -11.33 -3.55 -18.59
C ASP A 195 -11.32 -4.69 -19.63
N VAL A 196 -10.72 -5.83 -19.31
CA VAL A 196 -10.73 -6.95 -20.26
C VAL A 196 -12.14 -7.48 -20.51
N LEU A 197 -13.03 -7.34 -19.53
CA LEU A 197 -14.43 -7.79 -19.66
C LEU A 197 -15.41 -6.74 -20.23
N GLY A 198 -14.93 -5.54 -20.54
CA GLY A 198 -15.80 -4.49 -21.05
C GLY A 198 -16.89 -4.03 -20.10
N SER A 199 -16.54 -3.97 -18.81
CA SER A 199 -17.47 -3.60 -17.77
C SER A 199 -16.92 -2.49 -16.87
N LYS A 200 -17.84 -1.73 -16.26
CA LYS A 200 -17.51 -0.92 -15.06
C LYS A 200 -17.43 -1.84 -13.85
N VAL A 201 -16.73 -1.38 -12.82
CA VAL A 201 -16.65 -2.08 -11.55
C VAL A 201 -17.76 -1.56 -10.63
N GLY A 202 -18.63 -2.45 -10.15
CA GLY A 202 -19.70 -2.11 -9.19
C GLY A 202 -19.31 -2.29 -7.73
N MET A 203 -19.76 -1.38 -6.86
CA MET A 203 -19.38 -1.38 -5.45
C MET A 203 -20.36 -0.58 -4.58
N SER A 204 -20.20 -0.68 -3.26
CA SER A 204 -20.96 0.12 -2.28
C SER A 204 -20.75 1.62 -2.44
N GLN A 205 -21.69 2.41 -1.94
CA GLN A 205 -21.50 3.87 -1.89
C GLN A 205 -20.24 4.27 -1.10
N GLU A 206 -19.96 3.57 0.00
CA GLU A 206 -18.80 3.87 0.84
C GLU A 206 -17.47 3.63 0.10
N LYS A 207 -17.35 2.49 -0.61
CA LYS A 207 -16.14 2.25 -1.41
C LYS A 207 -16.03 3.17 -2.62
N TYR A 208 -17.17 3.49 -3.25
CA TYR A 208 -17.17 4.46 -4.35
C TYR A 208 -16.61 5.82 -3.88
N LYS A 209 -17.06 6.26 -2.71
CA LYS A 209 -16.58 7.53 -2.10
C LYS A 209 -15.05 7.50 -1.93
N THR A 210 -14.54 6.40 -1.38
CA THR A 210 -13.07 6.24 -1.20
C THR A 210 -12.31 6.39 -2.53
N LEU A 211 -12.76 5.67 -3.56
CA LEU A 211 -12.10 5.69 -4.88
C LEU A 211 -12.16 7.08 -5.56
N GLN A 212 -13.25 7.80 -5.35
CA GLN A 212 -13.39 9.19 -5.87
C GLN A 212 -12.37 10.20 -5.28
N CYS A 213 -11.71 9.86 -4.18
CA CYS A 213 -10.63 10.68 -3.57
C CYS A 213 -9.21 10.47 -4.17
N LEU A 214 -9.04 9.50 -5.05
CA LEU A 214 -7.70 9.02 -5.43
C LEU A 214 -7.02 9.62 -6.69
N ASN A 215 -7.65 10.61 -7.34
CA ASN A 215 -7.10 11.22 -8.59
C ASN A 215 -6.74 10.22 -9.71
N ILE A 216 -7.53 9.17 -9.87
CA ILE A 216 -7.30 8.21 -10.93
C ILE A 216 -7.88 8.80 -12.20
N PRO A 217 -7.08 8.89 -13.29
CA PRO A 217 -7.57 9.42 -14.56
C PRO A 217 -8.80 8.68 -15.09
N GLU A 218 -9.77 9.46 -15.52
CA GLU A 218 -11.01 8.94 -16.17
C GLU A 218 -11.80 7.96 -15.28
N ILE A 219 -11.70 8.12 -13.96
CA ILE A 219 -12.36 7.23 -12.98
C ILE A 219 -13.87 7.09 -13.16
N ASN A 220 -14.56 8.16 -13.54
CA ASN A 220 -16.03 8.09 -13.77
C ASN A 220 -16.40 7.09 -14.87
N SER A 221 -15.49 6.88 -15.84
CA SER A 221 -15.68 5.86 -16.87
C SER A 221 -15.46 4.44 -16.40
N LEU A 222 -14.87 4.23 -15.22
CA LEU A 222 -14.42 2.89 -14.78
C LEU A 222 -15.20 2.26 -13.63
N ILE A 223 -15.89 3.06 -12.81
CA ILE A 223 -16.57 2.56 -11.59
C ILE A 223 -18.03 3.05 -11.46
N THR A 224 -18.83 2.33 -10.68
CA THR A 224 -20.28 2.66 -10.53
C THR A 224 -20.83 2.11 -9.22
N THR A 225 -21.91 2.74 -8.72
CA THR A 225 -22.69 2.17 -7.64
C THR A 225 -23.88 1.35 -8.17
N ASP A 226 -24.05 1.30 -9.48
CA ASP A 226 -25.18 0.52 -10.06
C ASP A 226 -24.72 -0.93 -10.28
N MET A 227 -24.93 -1.77 -9.27
CA MET A 227 -24.44 -3.16 -9.28
C MET A 227 -25.01 -3.94 -10.48
N CYS A 228 -26.30 -3.71 -10.75
CA CYS A 228 -27.02 -4.35 -11.86
C CYS A 228 -26.38 -4.12 -13.23
N SER A 229 -25.74 -2.97 -13.44
CA SER A 229 -25.04 -2.66 -14.71
C SER A 229 -23.65 -3.31 -14.90
N SER A 230 -23.11 -3.91 -13.84
CA SER A 230 -21.71 -4.34 -13.75
C SER A 230 -21.58 -5.88 -13.64
N LEU A 231 -20.58 -6.48 -14.27
CA LEU A 231 -20.26 -7.91 -14.10
C LEU A 231 -18.94 -8.18 -13.35
N VAL A 232 -18.39 -7.11 -12.75
CA VAL A 232 -17.26 -7.22 -11.78
C VAL A 232 -17.71 -6.45 -10.53
N HIS A 233 -17.88 -7.16 -9.41
CA HIS A 233 -18.29 -6.53 -8.15
C HIS A 233 -17.18 -6.56 -7.12
N LEU A 234 -17.10 -5.50 -6.32
CA LEU A 234 -16.23 -5.46 -5.16
C LEU A 234 -17.02 -5.75 -3.90
N LEU A 235 -16.42 -6.55 -3.03
CA LEU A 235 -16.98 -6.87 -1.70
C LEU A 235 -15.90 -6.73 -0.61
N PRO A 236 -16.31 -6.48 0.65
CA PRO A 236 -15.35 -6.56 1.74
C PRO A 236 -14.61 -7.90 1.76
N MET A 237 -13.32 -7.86 2.05
CA MET A 237 -12.45 -9.06 2.06
C MET A 237 -13.01 -10.19 2.94
N MET A 238 -13.64 -9.82 4.06
CA MET A 238 -14.27 -10.78 4.98
C MET A 238 -15.40 -11.62 4.38
N GLN A 239 -16.00 -11.12 3.29
CA GLN A 239 -17.05 -11.84 2.60
C GLN A 239 -16.51 -12.81 1.49
N ILE A 240 -15.19 -12.84 1.23
CA ILE A 240 -14.63 -13.69 0.16
C ILE A 240 -14.35 -15.11 0.70
N ASN A 241 -15.45 -15.87 0.82
CA ASN A 241 -15.46 -17.26 1.32
C ASN A 241 -16.75 -17.90 0.79
N PHE A 242 -16.88 -19.23 0.88
CA PHE A 242 -18.00 -19.89 0.19
C PHE A 242 -19.38 -19.39 0.68
N LYS A 243 -19.51 -19.20 1.99
CA LYS A 243 -20.77 -18.71 2.59
C LYS A 243 -21.14 -17.31 2.08
N GLY A 244 -20.20 -16.39 2.14
CA GLY A 244 -20.47 -15.01 1.77
C GLY A 244 -20.74 -14.82 0.30
N LEU A 245 -20.07 -15.63 -0.54
CA LEU A 245 -20.27 -15.55 -1.98
C LEU A 245 -21.59 -16.20 -2.42
N GLN A 246 -21.98 -17.32 -1.80
CA GLN A 246 -23.34 -17.90 -1.98
C GLN A 246 -24.42 -16.87 -1.69
N SER A 247 -24.25 -16.13 -0.58
CA SER A 247 -25.20 -15.13 -0.14
C SER A 247 -25.29 -14.00 -1.15
N HIS A 248 -24.14 -13.52 -1.62
CA HIS A 248 -24.11 -12.51 -2.67
C HIS A 248 -24.81 -12.95 -3.96
N LEU A 249 -24.54 -14.19 -4.40
CA LEU A 249 -25.14 -14.71 -5.63
C LEU A 249 -26.68 -14.70 -5.57
N LYS A 250 -27.23 -15.04 -4.40
CA LYS A 250 -28.68 -14.98 -4.17
C LYS A 250 -29.25 -13.59 -4.45
N LYS A 251 -28.53 -12.54 -4.02
CA LYS A 251 -28.98 -11.16 -4.19
C LYS A 251 -29.01 -10.68 -5.65
N CYS A 252 -28.39 -11.42 -6.57
CA CYS A 252 -28.24 -10.96 -7.96
C CYS A 252 -29.40 -11.30 -8.90
N GLY A 253 -30.47 -11.88 -8.35
CA GLY A 253 -31.74 -12.02 -9.08
C GLY A 253 -31.73 -12.98 -10.25
N GLY A 254 -30.97 -14.08 -10.14
CA GLY A 254 -30.87 -15.07 -11.21
C GLY A 254 -30.19 -14.58 -12.49
N LYS A 255 -29.39 -13.52 -12.38
CA LYS A 255 -28.62 -13.01 -13.49
C LYS A 255 -27.40 -13.89 -13.77
N TYR A 256 -26.89 -14.54 -12.70
CA TYR A 256 -25.65 -15.30 -12.76
C TYR A 256 -25.82 -16.69 -12.20
N ASN A 257 -25.03 -17.63 -12.71
CA ASN A 257 -25.05 -19.04 -12.25
C ASN A 257 -23.68 -19.60 -11.81
N GLN A 258 -22.70 -18.70 -11.62
CA GLN A 258 -21.31 -19.06 -11.28
C GLN A 258 -20.60 -17.79 -10.73
N ILE A 259 -19.71 -17.96 -9.75
CA ILE A 259 -18.81 -16.88 -9.26
C ILE A 259 -17.35 -17.32 -9.37
N LEU A 260 -16.54 -16.42 -9.94
CA LEU A 260 -15.09 -16.49 -9.94
C LEU A 260 -14.64 -15.33 -9.02
N ALA A 261 -13.95 -15.62 -7.90
CA ALA A 261 -13.54 -14.57 -6.96
C ALA A 261 -12.01 -14.53 -6.77
N PHE A 262 -11.50 -13.32 -6.50
CA PHE A 262 -10.09 -13.07 -6.24
C PHE A 262 -9.85 -12.43 -4.86
N ARG A 263 -8.87 -13.00 -4.12
CA ARG A 263 -8.37 -12.48 -2.84
C ARG A 263 -6.94 -12.04 -3.03
N PRO A 264 -6.72 -10.72 -3.20
CA PRO A 264 -5.35 -10.28 -3.23
C PRO A 264 -4.86 -10.29 -1.78
N THR A 265 -3.87 -11.12 -1.56
CA THR A 265 -3.13 -11.18 -0.31
C THR A 265 -1.78 -10.51 -0.55
N GLY A 266 -0.98 -10.41 0.50
CA GLY A 266 0.45 -10.26 0.34
C GLY A 266 1.04 -11.66 0.13
N TRP A 267 2.22 -11.85 0.70
CA TRP A 267 2.84 -13.17 0.72
C TRP A 267 2.04 -14.17 1.55
N THR A 268 2.01 -15.43 1.10
CA THR A 268 1.54 -16.57 1.85
C THR A 268 2.57 -17.71 1.63
N HIS A 269 2.76 -18.59 2.62
CA HIS A 269 3.59 -19.83 2.46
C HIS A 269 3.44 -20.62 1.15
N SER A 270 2.28 -20.60 0.48
CA SER A 270 2.20 -21.20 -0.88
C SER A 270 3.12 -20.54 -1.95
N ASN A 271 3.69 -19.36 -1.66
CA ASN A 271 4.78 -18.76 -2.48
C ASN A 271 6.10 -19.56 -2.43
N LYS A 272 6.35 -20.22 -1.31
CA LYS A 272 7.57 -21.05 -1.11
C LYS A 272 7.56 -22.41 -1.84
N PHE A 273 6.43 -22.77 -2.46
CA PHE A 273 6.35 -23.96 -3.33
C PHE A 273 6.01 -23.57 -4.77
N THR A 274 4.86 -22.94 -4.93
CA THR A 274 4.21 -22.80 -6.23
C THR A 274 4.68 -21.57 -7.02
N ARG A 275 4.64 -21.70 -8.36
CA ARG A 275 4.77 -20.58 -9.29
C ARG A 275 3.40 -19.98 -9.60
N ILE A 276 3.37 -18.70 -9.96
CA ILE A 276 2.12 -18.01 -10.32
C ILE A 276 1.36 -18.75 -11.42
N ALA A 277 2.07 -19.24 -12.44
CA ALA A 277 1.46 -20.00 -13.54
C ALA A 277 0.70 -21.25 -13.09
N ASP A 278 1.20 -21.90 -12.02
CA ASP A 278 0.63 -23.14 -11.49
C ASP A 278 -0.49 -22.94 -10.46
N VAL A 279 -0.84 -21.69 -10.14
CA VAL A 279 -1.82 -21.40 -9.07
C VAL A 279 -3.21 -21.90 -9.43
N ILE A 280 -3.86 -22.58 -8.47
CA ILE A 280 -5.19 -23.13 -8.64
C ILE A 280 -6.12 -22.59 -7.57
N PRO A 281 -7.43 -22.59 -7.85
CA PRO A 281 -8.40 -22.07 -6.87
C PRO A 281 -8.85 -23.11 -5.88
N GLN A 282 -9.51 -22.65 -4.82
CA GLN A 282 -10.38 -23.51 -3.98
C GLN A 282 -11.80 -23.44 -4.58
N THR A 283 -12.43 -24.60 -4.73
CA THR A 283 -13.72 -24.69 -5.41
C THR A 283 -14.75 -25.48 -4.57
N LYS A 284 -15.97 -24.92 -4.50
CA LYS A 284 -17.16 -25.63 -3.97
C LYS A 284 -18.35 -25.37 -4.89
N GLY A 285 -18.80 -26.41 -5.60
CA GLY A 285 -19.91 -26.24 -6.54
C GLY A 285 -19.62 -25.21 -7.62
N ASN A 286 -20.50 -24.21 -7.74
CA ASN A 286 -20.37 -23.17 -8.76
C ASN A 286 -19.55 -21.92 -8.30
N ILE A 287 -18.75 -22.07 -7.24
CA ILE A 287 -17.89 -20.99 -6.71
C ILE A 287 -16.43 -21.42 -6.69
N SER A 288 -15.57 -20.55 -7.25
CA SER A 288 -14.12 -20.74 -7.20
C SER A 288 -13.46 -19.46 -6.67
N ILE A 289 -12.46 -19.65 -5.78
CA ILE A 289 -11.70 -18.53 -5.14
C ILE A 289 -10.19 -18.66 -5.37
N TYR A 290 -9.60 -17.64 -6.00
CA TYR A 290 -8.14 -17.57 -6.23
C TYR A 290 -7.49 -16.61 -5.24
N GLY A 291 -6.48 -17.08 -4.51
CA GLY A 291 -5.58 -16.20 -3.75
C GLY A 291 -4.40 -15.80 -4.64
N ILE A 292 -4.23 -14.50 -4.89
CA ILE A 292 -3.14 -14.04 -5.79
C ILE A 292 -2.14 -13.14 -5.02
N PRO A 293 -0.83 -13.39 -5.19
CA PRO A 293 0.19 -12.71 -4.37
C PRO A 293 0.57 -11.33 -4.92
N TYR A 294 -0.38 -10.40 -4.86
CA TYR A 294 -0.15 -9.01 -5.31
C TYR A 294 0.37 -8.18 -4.12
N SER A 295 1.68 -7.91 -4.12
CA SER A 295 2.35 -7.19 -3.02
C SER A 295 2.55 -5.71 -3.35
N GLU A 296 2.26 -4.85 -2.35
CA GLU A 296 2.66 -3.43 -2.38
C GLU A 296 3.79 -3.14 -1.36
N HIS A 297 4.49 -4.19 -0.93
CA HIS A 297 5.73 -4.01 -0.15
C HIS A 297 6.91 -4.69 -0.91
N SER A 298 8.14 -4.19 -0.64
CA SER A 298 9.37 -4.79 -1.20
C SER A 298 9.48 -6.28 -0.92
N SER A 299 9.85 -7.06 -1.95
CA SER A 299 10.39 -8.39 -1.68
C SER A 299 11.77 -8.26 -0.98
N TYR A 300 12.28 -9.36 -0.42
CA TYR A 300 13.63 -9.32 0.19
C TYR A 300 14.68 -8.79 -0.83
N LEU A 301 14.70 -9.36 -2.03
CA LEU A 301 15.67 -8.94 -3.07
C LEU A 301 15.55 -7.47 -3.50
N GLU A 302 14.32 -6.99 -3.67
CA GLU A 302 14.08 -5.56 -3.99
C GLU A 302 14.59 -4.63 -2.89
N MET A 303 14.29 -4.98 -1.64
CA MET A 303 14.77 -4.21 -0.43
C MET A 303 16.32 -4.17 -0.38
N LYS A 304 16.94 -5.36 -0.53
CA LYS A 304 18.41 -5.47 -0.52
C LYS A 304 19.06 -4.60 -1.62
N ARG A 305 18.51 -4.67 -2.84
CA ARG A 305 19.05 -3.84 -3.93
C ARG A 305 18.99 -2.34 -3.63
N PHE A 306 17.83 -1.89 -3.17
CA PHE A 306 17.66 -0.47 -2.82
C PHE A 306 18.65 0.02 -1.74
N VAL A 307 18.78 -0.73 -0.66
CA VAL A 307 19.67 -0.39 0.42
C VAL A 307 21.13 -0.41 0.00
N GLN A 308 21.54 -1.43 -0.78
CA GLN A 308 22.94 -1.50 -1.25
C GLN A 308 23.27 -0.40 -2.24
N TRP A 309 22.28 0.08 -2.99
CA TRP A 309 22.45 1.29 -3.85
C TRP A 309 22.56 2.59 -3.02
N LEU A 310 21.68 2.75 -2.04
CA LEU A 310 21.59 4.00 -1.26
C LEU A 310 22.78 4.17 -0.30
N LYS A 311 23.31 3.04 0.21
CA LYS A 311 24.46 3.04 1.12
C LYS A 311 24.32 3.95 2.39
N PRO A 312 23.24 3.76 3.16
CA PRO A 312 23.01 4.56 4.37
C PRO A 312 24.03 4.26 5.47
N GLN A 313 24.37 5.27 6.29
CA GLN A 313 25.27 5.05 7.45
C GLN A 313 24.62 4.29 8.60
N LYS A 314 23.29 4.46 8.76
CA LYS A 314 22.52 3.82 9.82
C LYS A 314 21.11 3.52 9.30
N ILE A 315 20.61 2.32 9.67
CA ILE A 315 19.25 1.89 9.35
C ILE A 315 18.42 1.71 10.63
N ILE A 316 17.21 2.27 10.62
CA ILE A 316 16.24 2.14 11.71
C ILE A 316 15.01 1.42 11.09
N PRO A 317 14.81 0.13 11.45
CA PRO A 317 13.57 -0.55 11.00
C PRO A 317 12.30 0.05 11.61
N THR A 318 11.23 0.08 10.82
CA THR A 318 9.92 0.55 11.28
C THR A 318 8.84 -0.55 11.32
N VAL A 319 9.17 -1.78 10.90
CA VAL A 319 8.24 -2.92 10.90
C VAL A 319 8.94 -4.16 11.49
N ASN A 320 8.16 -5.00 12.19
CA ASN A 320 8.71 -6.18 12.90
C ASN A 320 9.70 -5.79 14.03
N VAL A 321 9.38 -4.71 14.72
CA VAL A 321 10.26 -4.17 15.76
C VAL A 321 9.98 -4.72 17.15
N GLY A 322 8.94 -5.52 17.30
CA GLY A 322 8.43 -5.90 18.61
C GLY A 322 9.09 -7.09 19.27
N THR A 323 9.87 -7.89 18.52
CA THR A 323 10.53 -9.10 19.12
C THR A 323 12.05 -9.04 18.99
N TRP A 324 12.77 -9.62 19.96
CA TRP A 324 14.23 -9.64 19.91
C TRP A 324 14.73 -10.47 18.72
N LYS A 325 14.05 -11.58 18.46
CA LYS A 325 14.37 -12.45 17.35
C LYS A 325 14.30 -11.70 16.01
N SER A 326 13.22 -10.94 15.79
CA SER A 326 13.05 -10.17 14.55
C SER A 326 14.15 -9.13 14.43
N ARG A 327 14.39 -8.40 15.51
CA ARG A 327 15.41 -7.34 15.50
C ARG A 327 16.80 -7.90 15.20
N SER A 328 17.16 -9.01 15.84
CA SER A 328 18.44 -9.69 15.60
C SER A 328 18.61 -10.18 14.15
N THR A 329 17.56 -10.78 13.59
CA THR A 329 17.55 -11.21 12.19
C THR A 329 17.79 -10.04 11.23
N MET A 330 17.06 -8.94 11.41
CA MET A 330 17.20 -7.78 10.54
C MET A 330 18.61 -7.18 10.61
N GLU A 331 19.15 -7.03 11.83
N GLU A 331 19.16 -7.01 11.81
CA GLU A 331 20.49 -6.49 12.04
CA GLU A 331 20.52 -6.45 11.92
C GLU A 331 21.59 -7.34 11.37
C GLU A 331 21.56 -7.34 11.23
N LYS A 332 21.43 -8.66 11.37
CA LYS A 332 22.34 -9.58 10.65
C LYS A 332 22.30 -9.39 9.14
N TYR A 333 21.11 -9.21 8.59
CA TYR A 333 20.99 -8.93 7.14
C TYR A 333 21.61 -7.58 6.77
N PHE A 334 21.35 -6.54 7.55
CA PHE A 334 21.93 -5.24 7.23
C PHE A 334 23.47 -5.35 7.18
N ARG A 335 24.07 -6.09 8.12
CA ARG A 335 25.56 -6.23 8.14
C ARG A 335 26.08 -7.03 6.96
N GLU A 336 25.38 -8.11 6.58
N GLU A 336 25.36 -8.09 6.60
CA GLU A 336 25.75 -8.83 5.37
CA GLU A 336 25.67 -8.89 5.43
C GLU A 336 25.76 -7.88 4.17
C GLU A 336 25.64 -8.05 4.13
N TRP A 337 24.68 -7.14 4.02
CA TRP A 337 24.55 -6.27 2.84
C TRP A 337 25.68 -5.24 2.74
N LYS A 338 26.06 -4.71 3.89
CA LYS A 338 27.12 -3.70 4.02
C LYS A 338 28.48 -4.31 3.69
N LEU A 339 28.77 -5.50 4.24
CA LEU A 339 30.04 -6.21 3.94
C LEU A 339 30.17 -6.62 2.47
N GLU A 340 29.06 -7.10 1.89
CA GLU A 340 29.04 -7.52 0.49
C GLU A 340 29.33 -6.35 -0.44
N ALA A 341 28.66 -5.20 -0.19
CA ALA A 341 28.79 -4.02 -1.07
C ALA A 341 29.94 -3.09 -0.73
N GLY A 342 30.51 -3.16 0.47
CA GLY A 342 31.72 -2.38 0.83
C GLY A 342 31.54 -1.00 1.43
N TYR A 343 30.30 -0.64 1.81
CA TYR A 343 30.06 0.67 2.48
C TYR A 343 30.19 0.57 4.00
#